data_1NH3
#
_entry.id   1NH3
#
_cell.length_a   72.97
_cell.length_b   72.97
_cell.length_c   186.29
_cell.angle_alpha   90
_cell.angle_beta   90
_cell.angle_gamma   120
#
_symmetry.space_group_name_H-M   'P 32'
#
loop_
_entity.id
_entity.type
_entity.pdbx_description
1 polymer "5'-D(*AP*AP*AP*AP*AP*GP*AP*CP*UP*(UBB))-3'"
2 polymer "5'-D(*(GNG)P*GP*AP*AP*AP*AP*AP*UP*UP*UP*UP*T)-3'"
3 polymer "5'-D(*AP*AP*AP*AP*AP*TP*UP*UP*UP*UP*CP*(CAR)P*AP*AP*GP*UP*CP*UP*UP*UP*UP*T)-3'"
4 polymer 'DNA topoisomerase I'
5 water water
#
loop_
_entity_poly.entity_id
_entity_poly.type
_entity_poly.pdbx_seq_one_letter_code
_entity_poly.pdbx_strand_id
1 'polydeoxyribonucleotide' (DA)(DA)(DA)(DA)(DA)(DG)(DA)(DC)(DU)(UBB) B
2 'polydeoxyribonucleotide' (GNG)(DG)(DA)(DA)(DA)(DA)(DA)(DU)(DU)(DU)(DU)(DT) C
3 'polydeoxyribonucleotide/polyribonucleotide hybrid'
;(DA)(DA)(DA)(DA)(DA)(DT)(DU)(DU)(DU)(DU)(DC)(CAR)(DA)(DA)(DG)(DU)(DC)(DU)(DU)
(DU)(DU)(DT)
;
D
4 'polypeptide(L)'
;WKWWEEERYPEGIKWKFLEHKGPVFAPPYEPLPENVKFYYDGKVMKLSPKAEEVATFFAKMLDHEYTTKEIFRKNFFKDW
RKEMTNEEKNIITNLSKCDFTQMSQYFKAQTEARKQMSKEEKLKIKEENEKLLKEYGFCIMDNHKERIANFKIEPPGLFR
GRGNHPKMGMLKRRIMPEDIIINCSKDAKVPSPPPGHKWKEVRHDNKVTWLVSWTENIQGSIKYIMLNPSSRIKGEKDWQ
KYETARRLKKCVDKIRNQYREDWKSKEMKVRQRAVALYFIDKLALRAGNEKEEGETADTVGCCSLRVEHINLHPELDGQE
YVVEFDFLGKDSIRYYNKVPVEKRVFKNLQLFMENKQPEDDLFDRLNTGILNKHLQDLMEGLTAKVFRTYNASITLQQQL
KELTAPDENIPAKILSYNRANRAVAILCNHQRAPPKTFEKSMMNLQTKIDAKKEQLADARRDLKSAKADAKVMKDAKTKK
VVESKKKAVQRLEEQLMKLEVQATDREENKQIALGTSKLN(PTR)LDPRITVAWCKKWGVPIEKIYNKTQREKFAWAIDM
ADEDYEF
;
A
#
# COMPACT_ATOMS: atom_id res chain seq x y z
N TRP D 1 7.67 -3.88 27.68
CA TRP D 1 7.62 -5.34 27.39
C TRP D 1 8.44 -5.70 26.15
N LYS D 2 9.16 -6.84 26.24
CA LYS D 2 10.01 -7.34 25.15
C LYS D 2 9.62 -8.74 24.65
N TRP D 3 9.34 -8.84 23.35
CA TRP D 3 8.94 -10.09 22.72
C TRP D 3 10.04 -10.82 21.95
N TRP D 4 11.09 -10.09 21.61
CA TRP D 4 12.22 -10.64 20.86
C TRP D 4 13.12 -11.53 21.70
N GLU D 5 13.05 -11.35 23.01
CA GLU D 5 13.82 -12.14 23.96
C GLU D 5 13.12 -13.43 24.39
N GLU D 6 11.80 -13.46 24.16
CA GLU D 6 10.97 -14.62 24.49
C GLU D 6 11.07 -15.67 23.37
N GLU D 7 10.56 -16.87 23.66
CA GLU D 7 10.55 -18.01 22.75
C GLU D 7 9.63 -17.76 21.54
N ARG D 8 10.15 -18.04 20.34
CA ARG D 8 9.43 -17.83 19.09
C ARG D 8 8.57 -19.00 18.61
N TYR D 9 7.29 -18.70 18.36
CA TYR D 9 6.30 -19.67 17.89
C TYR D 9 6.61 -20.08 16.45
N PRO D 10 6.88 -21.37 16.21
CA PRO D 10 7.20 -21.91 14.87
C PRO D 10 6.12 -21.72 13.79
N GLU D 11 6.46 -22.12 12.56
CA GLU D 11 5.60 -22.02 11.38
C GLU D 11 4.28 -22.81 11.42
N GLY D 12 3.19 -22.06 11.25
CA GLY D 12 1.84 -22.61 11.27
C GLY D 12 0.88 -21.67 11.95
N ILE D 13 0.75 -21.83 13.27
CA ILE D 13 -0.12 -21.03 14.14
C ILE D 13 0.50 -19.65 14.38
N LYS D 14 -0.30 -18.60 14.16
CA LYS D 14 0.15 -17.22 14.31
C LYS D 14 -0.18 -16.53 15.64
N TRP D 15 -1.06 -17.14 16.43
CA TRP D 15 -1.44 -16.66 17.77
C TRP D 15 -2.04 -17.79 18.61
N LYS D 16 -1.76 -17.78 19.92
CA LYS D 16 -2.27 -18.81 20.82
C LYS D 16 -3.69 -18.46 21.27
N PHE D 17 -3.89 -17.18 21.61
CA PHE D 17 -5.18 -16.70 22.07
C PHE D 17 -5.45 -15.28 21.56
N LEU D 18 -6.74 -15.00 21.31
CA LEU D 18 -7.21 -13.70 20.83
C LEU D 18 -8.65 -13.42 21.24
N GLU D 19 -8.89 -12.20 21.74
CA GLU D 19 -10.20 -11.70 22.17
C GLU D 19 -10.27 -10.19 21.89
N HIS D 20 -10.96 -9.82 20.81
CA HIS D 20 -11.10 -8.41 20.46
C HIS D 20 -12.48 -7.89 20.76
N LYS D 21 -12.58 -6.58 21.00
CA LYS D 21 -13.83 -5.92 21.34
C LYS D 21 -14.82 -5.78 20.17
N GLY D 22 -14.31 -5.81 18.93
CA GLY D 22 -15.15 -5.68 17.75
C GLY D 22 -14.93 -4.37 16.99
N PRO D 23 -15.50 -4.21 15.78
CA PRO D 23 -15.35 -2.99 14.96
C PRO D 23 -16.23 -1.80 15.35
N VAL D 24 -16.18 -0.76 14.51
CA VAL D 24 -16.98 0.48 14.67
C VAL D 24 -17.34 0.95 13.26
N PHE D 25 -18.63 1.18 13.03
CA PHE D 25 -19.10 1.62 11.72
C PHE D 25 -19.17 3.14 11.68
N ALA D 26 -19.75 3.68 10.61
CA ALA D 26 -19.92 5.11 10.48
C ALA D 26 -21.26 5.38 11.13
N PRO D 27 -21.34 6.33 12.10
CA PRO D 27 -22.61 6.64 12.77
C PRO D 27 -23.70 6.85 11.70
N PRO D 28 -24.78 6.02 11.72
CA PRO D 28 -25.90 6.05 10.78
C PRO D 28 -26.17 7.41 10.14
N TYR D 29 -26.00 7.45 8.83
CA TYR D 29 -26.17 8.65 7.99
C TYR D 29 -27.15 9.72 8.49
N GLU D 30 -26.61 10.92 8.72
CA GLU D 30 -27.35 12.07 9.21
C GLU D 30 -27.98 12.81 8.01
N PRO D 31 -29.33 12.90 7.96
CA PRO D 31 -30.06 13.57 6.86
C PRO D 31 -29.85 15.08 6.66
N LEU D 32 -30.21 15.53 5.46
CA LEU D 32 -30.09 16.94 5.06
C LEU D 32 -31.22 17.79 5.62
N PRO D 33 -30.89 18.94 6.24
CA PRO D 33 -31.90 19.85 6.79
C PRO D 33 -32.71 20.50 5.65
N GLU D 34 -33.86 21.09 6.00
CA GLU D 34 -34.79 21.71 5.05
C GLU D 34 -34.22 22.73 4.05
N ASN D 35 -33.32 23.58 4.54
CA ASN D 35 -32.70 24.65 3.75
C ASN D 35 -31.77 24.29 2.58
N VAL D 36 -31.29 23.04 2.52
CA VAL D 36 -30.39 22.58 1.45
C VAL D 36 -31.19 22.30 0.16
N LYS D 37 -30.53 22.33 -0.99
CA LYS D 37 -31.22 22.12 -2.28
C LYS D 37 -30.74 20.99 -3.20
N PHE D 38 -31.20 21.07 -4.46
CA PHE D 38 -30.88 20.14 -5.58
C PHE D 38 -31.67 20.65 -6.82
N TYR D 39 -30.98 21.42 -7.66
CA TYR D 39 -31.61 22.02 -8.83
C TYR D 39 -31.33 21.23 -10.11
N TYR D 40 -32.40 20.77 -10.75
CA TYR D 40 -32.31 19.98 -11.98
C TYR D 40 -33.08 20.61 -13.16
N ASP D 41 -32.38 20.67 -14.31
CA ASP D 41 -32.88 21.18 -15.60
C ASP D 41 -33.90 22.32 -15.61
N GLY D 42 -33.61 23.37 -14.86
CA GLY D 42 -34.49 24.52 -14.76
C GLY D 42 -35.38 24.47 -13.54
N LYS D 43 -35.98 23.30 -13.31
CA LYS D 43 -36.87 23.03 -12.16
C LYS D 43 -36.01 22.47 -11.01
N VAL D 44 -36.67 21.81 -10.05
CA VAL D 44 -36.00 21.22 -8.89
C VAL D 44 -36.53 19.78 -8.67
N MET D 45 -35.61 18.86 -8.32
CA MET D 45 -35.93 17.45 -8.06
C MET D 45 -35.76 17.15 -6.56
N LYS D 46 -36.52 16.18 -6.06
CA LYS D 46 -36.46 15.78 -4.64
C LYS D 46 -35.67 14.48 -4.51
N LEU D 47 -34.99 14.29 -3.37
CA LEU D 47 -34.18 13.07 -3.14
C LEU D 47 -34.60 12.15 -1.99
N SER D 48 -34.48 10.85 -2.25
CA SER D 48 -34.80 9.77 -1.31
C SER D 48 -33.60 9.61 -0.37
N PRO D 49 -33.81 9.24 0.92
CA PRO D 49 -32.70 9.06 1.88
C PRO D 49 -31.51 8.18 1.44
N LYS D 50 -31.67 7.48 0.31
CA LYS D 50 -30.63 6.62 -0.28
C LYS D 50 -29.87 7.45 -1.32
N ALA D 51 -30.60 8.21 -2.14
CA ALA D 51 -30.02 9.07 -3.18
C ALA D 51 -29.46 10.35 -2.58
N GLU D 52 -29.96 10.68 -1.39
CA GLU D 52 -29.56 11.86 -0.62
C GLU D 52 -28.20 11.53 0.00
N GLU D 53 -28.00 10.26 0.33
CA GLU D 53 -26.75 9.77 0.93
C GLU D 53 -25.62 9.83 -0.07
N VAL D 54 -25.88 9.34 -1.29
CA VAL D 54 -24.89 9.32 -2.36
C VAL D 54 -24.57 10.72 -2.85
N ALA D 55 -25.52 11.63 -2.59
CA ALA D 55 -25.40 13.02 -3.00
C ALA D 55 -24.25 13.66 -2.27
N THR D 56 -24.21 13.47 -0.95
CA THR D 56 -23.19 14.05 -0.06
C THR D 56 -21.72 13.65 -0.35
N PHE D 57 -21.55 12.60 -1.15
CA PHE D 57 -20.23 12.09 -1.52
C PHE D 57 -19.65 12.79 -2.72
N PHE D 58 -20.54 13.29 -3.57
CA PHE D 58 -20.15 14.04 -4.74
C PHE D 58 -19.95 15.49 -4.29
N ALA D 59 -20.56 15.83 -3.16
CA ALA D 59 -20.46 17.16 -2.58
C ALA D 59 -19.08 17.31 -1.97
N LYS D 60 -18.64 16.24 -1.32
CA LYS D 60 -17.32 16.19 -0.67
C LYS D 60 -16.13 16.23 -1.65
N MET D 61 -16.43 16.28 -2.95
CA MET D 61 -15.40 16.32 -4.00
C MET D 61 -15.89 17.05 -5.26
N LEU D 62 -16.18 18.35 -5.14
CA LEU D 62 -16.64 19.12 -6.30
C LEU D 62 -15.54 19.77 -7.12
N ASP D 63 -14.67 20.52 -6.44
CA ASP D 63 -13.55 21.20 -7.10
C ASP D 63 -12.30 20.34 -7.14
N HIS D 64 -12.48 19.07 -7.53
CA HIS D 64 -11.40 18.10 -7.62
C HIS D 64 -11.23 17.70 -9.08
N GLU D 65 -9.97 17.41 -9.46
CA GLU D 65 -9.63 17.00 -10.83
C GLU D 65 -10.39 15.72 -11.24
N TYR D 66 -11.12 15.14 -10.29
CA TYR D 66 -11.92 13.96 -10.50
C TYR D 66 -13.25 14.23 -11.15
N THR D 67 -13.83 15.39 -10.83
CA THR D 67 -15.11 15.77 -11.41
C THR D 67 -15.00 16.08 -12.91
N THR D 68 -13.85 16.64 -13.30
CA THR D 68 -13.55 17.00 -14.69
C THR D 68 -13.01 15.81 -15.45
N LYS D 69 -13.21 14.62 -14.88
CA LYS D 69 -12.78 13.33 -15.45
C LYS D 69 -13.98 12.61 -16.04
N GLU D 70 -13.93 12.38 -17.36
CA GLU D 70 -14.99 11.71 -18.14
C GLU D 70 -15.43 10.34 -17.67
N ILE D 71 -14.46 9.46 -17.39
CA ILE D 71 -14.72 8.09 -16.93
C ILE D 71 -15.45 8.09 -15.58
N PHE D 72 -15.06 9.06 -14.73
CA PHE D 72 -15.64 9.21 -13.39
C PHE D 72 -17.12 9.57 -13.45
N ARG D 73 -17.47 10.41 -14.42
CA ARG D 73 -18.85 10.85 -14.61
C ARG D 73 -19.70 9.72 -15.16
N LYS D 74 -19.12 8.95 -16.09
CA LYS D 74 -19.78 7.81 -16.76
C LYS D 74 -20.24 6.77 -15.77
N ASN D 75 -19.44 6.57 -14.72
CA ASN D 75 -19.71 5.61 -13.66
C ASN D 75 -20.63 6.14 -12.59
N PHE D 76 -20.72 7.47 -12.47
CA PHE D 76 -21.60 8.08 -11.48
C PHE D 76 -23.03 8.08 -11.97
N PHE D 77 -23.19 8.09 -13.29
CA PHE D 77 -24.52 8.06 -13.88
C PHE D 77 -25.07 6.63 -13.77
N LYS D 78 -24.20 5.65 -14.00
CA LYS D 78 -24.51 4.21 -13.92
C LYS D 78 -24.86 3.83 -12.49
N ASP D 79 -23.91 4.00 -11.58
CA ASP D 79 -24.13 3.68 -10.16
C ASP D 79 -25.21 4.47 -9.44
N TRP D 80 -25.72 5.51 -10.11
CA TRP D 80 -26.76 6.32 -9.52
C TRP D 80 -28.16 5.96 -9.96
N ARG D 81 -28.28 5.25 -11.09
CA ARG D 81 -29.58 4.81 -11.60
C ARG D 81 -30.10 3.63 -10.74
N LYS D 82 -29.25 3.18 -9.81
CA LYS D 82 -29.51 2.07 -8.90
C LYS D 82 -29.90 2.58 -7.52
N GLU D 83 -29.20 3.63 -7.07
CA GLU D 83 -29.41 4.23 -5.75
C GLU D 83 -30.58 5.19 -5.58
N MET D 84 -31.59 5.06 -6.44
CA MET D 84 -32.79 5.91 -6.40
C MET D 84 -34.05 5.12 -6.80
N THR D 85 -35.13 5.84 -7.13
CA THR D 85 -36.40 5.22 -7.54
C THR D 85 -36.55 5.14 -9.07
N ASN D 86 -37.73 4.73 -9.53
CA ASN D 86 -38.03 4.59 -10.97
C ASN D 86 -38.60 5.85 -11.60
N GLU D 87 -39.28 6.65 -10.77
CA GLU D 87 -39.89 7.91 -11.19
C GLU D 87 -38.83 8.99 -11.29
N GLU D 88 -37.86 8.95 -10.37
CA GLU D 88 -36.75 9.90 -10.30
C GLU D 88 -35.81 9.76 -11.48
N LYS D 89 -35.57 8.51 -11.90
CA LYS D 89 -34.69 8.18 -13.03
C LYS D 89 -35.41 8.21 -14.37
N ASN D 90 -36.70 8.60 -14.36
CA ASN D 90 -37.52 8.68 -15.57
C ASN D 90 -37.25 9.90 -16.43
N ILE D 91 -37.03 11.05 -15.78
CA ILE D 91 -36.76 12.32 -16.45
C ILE D 91 -35.27 12.54 -16.73
N ILE D 92 -34.42 12.14 -15.78
CA ILE D 92 -32.96 12.30 -15.85
C ILE D 92 -32.25 11.57 -17.01
N THR D 93 -31.74 12.35 -17.97
CA THR D 93 -31.02 11.86 -19.15
C THR D 93 -29.59 12.39 -19.32
N ASN D 94 -29.24 13.40 -18.53
CA ASN D 94 -27.91 14.03 -18.57
C ASN D 94 -27.50 14.65 -17.23
N LEU D 95 -26.26 14.39 -16.82
CA LEU D 95 -25.69 14.88 -15.56
C LEU D 95 -25.29 16.35 -15.67
N SER D 96 -25.08 16.78 -16.91
CA SER D 96 -24.71 18.15 -17.28
C SER D 96 -25.76 19.20 -16.88
N LYS D 97 -26.98 18.70 -16.67
CA LYS D 97 -28.12 19.52 -16.30
C LYS D 97 -28.40 19.49 -14.78
N CYS D 98 -27.35 19.25 -13.98
CA CYS D 98 -27.46 19.20 -12.52
C CYS D 98 -26.68 20.32 -11.82
N ASP D 99 -27.08 20.61 -10.58
CA ASP D 99 -26.43 21.64 -9.76
C ASP D 99 -26.31 21.19 -8.32
N PHE D 100 -25.06 21.00 -7.89
CA PHE D 100 -24.74 20.55 -6.53
C PHE D 100 -24.26 21.73 -5.67
N THR D 101 -24.35 22.92 -6.27
CA THR D 101 -23.97 24.21 -5.71
C THR D 101 -24.44 24.60 -4.30
N GLN D 102 -25.71 24.33 -3.96
CA GLN D 102 -26.27 24.66 -2.64
C GLN D 102 -25.75 23.76 -1.50
N MET D 103 -25.28 22.59 -1.91
CA MET D 103 -24.73 21.58 -1.02
C MET D 103 -23.24 21.84 -0.88
N SER D 104 -22.71 22.61 -1.83
CA SER D 104 -21.30 22.98 -1.89
C SER D 104 -20.94 24.15 -0.98
N GLN D 105 -21.92 24.99 -0.66
CA GLN D 105 -21.65 26.11 0.24
C GLN D 105 -21.77 25.53 1.65
N TYR D 106 -22.65 24.54 1.74
CA TYR D 106 -22.99 23.80 2.94
C TYR D 106 -21.83 22.95 3.43
N PHE D 107 -21.27 22.14 2.53
CA PHE D 107 -20.15 21.26 2.82
C PHE D 107 -18.94 22.08 3.27
N LYS D 108 -18.71 23.19 2.56
CA LYS D 108 -17.60 24.10 2.86
C LYS D 108 -17.80 24.85 4.18
N ALA D 109 -19.05 25.25 4.48
CA ALA D 109 -19.35 25.97 5.73
C ALA D 109 -19.22 25.03 6.92
N GLN D 110 -19.51 23.75 6.68
CA GLN D 110 -19.44 22.69 7.68
C GLN D 110 -18.00 22.37 8.10
N THR D 111 -17.06 22.66 7.20
CA THR D 111 -15.62 22.44 7.43
C THR D 111 -15.10 23.60 8.27
N GLU D 112 -15.59 24.80 7.96
CA GLU D 112 -15.20 26.02 8.66
C GLU D 112 -15.92 26.19 10.00
N ALA D 113 -16.98 25.42 10.22
CA ALA D 113 -17.76 25.47 11.47
C ALA D 113 -17.04 24.80 12.65
N ARG D 114 -16.08 23.94 12.33
CA ARG D 114 -15.26 23.24 13.32
C ARG D 114 -14.10 24.16 13.72
N LYS D 115 -13.80 25.12 12.83
CA LYS D 115 -12.75 26.12 13.03
C LYS D 115 -13.30 27.29 13.85
N GLN D 116 -14.59 27.18 14.17
CA GLN D 116 -15.31 28.18 14.96
C GLN D 116 -15.61 27.64 16.36
N MET D 117 -15.52 26.31 16.52
CA MET D 117 -15.78 25.63 17.80
C MET D 117 -14.69 25.99 18.82
N SER D 118 -15.14 26.43 20.01
CA SER D 118 -14.26 26.88 21.10
C SER D 118 -13.24 25.90 21.69
N LYS D 119 -12.37 26.43 22.55
CA LYS D 119 -11.33 25.66 23.23
C LYS D 119 -11.93 24.88 24.43
N GLU D 120 -13.17 24.43 24.23
CA GLU D 120 -13.96 23.67 25.20
C GLU D 120 -15.02 22.89 24.40
N GLU D 121 -15.45 23.47 23.28
CA GLU D 121 -16.43 22.86 22.38
C GLU D 121 -15.72 21.88 21.44
N LYS D 122 -14.40 22.05 21.34
CA LYS D 122 -13.53 21.19 20.53
C LYS D 122 -13.07 19.98 21.33
N LEU D 123 -13.48 19.92 22.59
CA LEU D 123 -13.13 18.82 23.50
C LEU D 123 -14.38 18.11 24.05
N LYS D 124 -15.55 18.74 23.88
CA LYS D 124 -16.85 18.20 24.32
C LYS D 124 -17.18 16.87 23.63
N ILE D 125 -17.01 16.84 22.31
CA ILE D 125 -17.23 15.65 21.50
C ILE D 125 -15.90 15.02 21.07
N LYS D 126 -14.80 15.79 21.24
CA LYS D 126 -13.43 15.37 20.88
C LYS D 126 -12.84 14.39 21.89
N GLU D 127 -13.49 14.30 23.06
CA GLU D 127 -13.11 13.41 24.14
C GLU D 127 -13.94 12.14 23.95
N GLU D 128 -15.12 12.32 23.35
CA GLU D 128 -16.05 11.23 23.05
C GLU D 128 -15.55 10.33 21.92
N ASN D 129 -14.84 10.92 20.96
CA ASN D 129 -14.27 10.18 19.84
C ASN D 129 -12.96 9.52 20.25
N GLU D 130 -12.58 9.73 21.50
CA GLU D 130 -11.37 9.17 22.06
C GLU D 130 -11.75 8.11 23.07
N LYS D 131 -13.04 8.10 23.45
CA LYS D 131 -13.62 7.12 24.38
C LYS D 131 -13.73 5.80 23.63
N LEU D 132 -13.68 5.91 22.30
CA LEU D 132 -13.72 4.78 21.38
C LEU D 132 -12.36 4.10 21.45
N LEU D 133 -11.30 4.89 21.20
CA LEU D 133 -9.90 4.44 21.19
C LEU D 133 -9.52 3.58 22.40
N LYS D 134 -10.17 3.83 23.53
CA LYS D 134 -9.92 3.11 24.76
C LYS D 134 -10.75 1.83 24.83
N GLU D 135 -11.99 1.92 24.37
CA GLU D 135 -12.90 0.77 24.39
C GLU D 135 -12.64 -0.26 23.29
N TYR D 136 -12.86 0.17 22.05
CA TYR D 136 -12.72 -0.67 20.86
C TYR D 136 -11.35 -0.64 20.19
N GLY D 137 -10.46 0.21 20.72
CA GLY D 137 -9.12 0.37 20.16
C GLY D 137 -8.04 -0.63 20.53
N PHE D 138 -8.13 -1.20 21.73
CA PHE D 138 -7.17 -2.19 22.18
C PHE D 138 -7.84 -3.55 22.21
N CYS D 139 -7.02 -4.59 22.16
CA CYS D 139 -7.52 -5.94 22.19
C CYS D 139 -6.53 -6.81 22.97
N ILE D 140 -7.07 -7.79 23.69
CA ILE D 140 -6.28 -8.72 24.49
C ILE D 140 -5.66 -9.79 23.60
N MET D 141 -4.58 -10.40 24.09
CA MET D 141 -3.87 -11.45 23.36
C MET D 141 -3.12 -12.36 24.32
N ASP D 142 -2.11 -13.07 23.81
CA ASP D 142 -1.27 -14.00 24.56
C ASP D 142 -0.69 -13.35 25.82
N ASN D 143 0.31 -12.49 25.64
CA ASN D 143 0.94 -11.78 26.76
C ASN D 143 0.04 -10.63 27.17
N HIS D 144 0.40 -9.43 26.72
CA HIS D 144 -0.37 -8.24 27.03
C HIS D 144 -1.34 -7.87 25.91
N LYS D 145 -1.95 -6.70 26.05
CA LYS D 145 -2.91 -6.18 25.07
C LYS D 145 -2.21 -5.39 23.96
N GLU D 146 -2.62 -5.64 22.73
CA GLU D 146 -2.05 -4.96 21.59
C GLU D 146 -3.05 -3.96 21.05
N ARG D 147 -2.54 -2.91 20.37
CA ARG D 147 -3.40 -1.89 19.79
C ARG D 147 -3.79 -2.29 18.36
N ILE D 148 -5.06 -2.08 18.02
CA ILE D 148 -5.60 -2.38 16.70
C ILE D 148 -5.34 -1.14 15.85
N ALA D 149 -4.88 -1.33 14.61
CA ALA D 149 -4.54 -0.23 13.71
C ALA D 149 -5.67 0.55 13.06
N ASN D 150 -6.76 -0.13 12.71
CA ASN D 150 -7.88 0.48 12.01
C ASN D 150 -9.25 -0.02 12.41
N PHE D 151 -9.64 0.20 13.67
CA PHE D 151 -10.95 -0.26 14.17
C PHE D 151 -12.18 0.32 13.44
N LYS D 152 -12.05 1.56 12.95
CA LYS D 152 -13.13 2.21 12.24
C LYS D 152 -13.25 1.74 10.79
N ILE D 153 -14.37 1.08 10.50
CA ILE D 153 -14.76 0.51 9.19
C ILE D 153 -14.83 1.59 8.12
N GLU D 154 -14.45 1.24 6.90
CA GLU D 154 -14.46 2.14 5.75
C GLU D 154 -15.85 2.73 5.48
N PRO D 155 -16.02 4.05 5.73
CA PRO D 155 -17.31 4.72 5.50
C PRO D 155 -17.61 4.71 4.01
N PRO D 156 -18.89 4.56 3.61
CA PRO D 156 -19.25 4.57 2.19
C PRO D 156 -18.82 5.84 1.49
N GLY D 157 -18.55 5.72 0.21
CA GLY D 157 -18.12 6.86 -0.56
C GLY D 157 -17.95 6.48 -2.00
N LEU D 158 -16.96 7.12 -2.61
CA LEU D 158 -16.64 6.86 -3.99
C LEU D 158 -15.23 6.32 -4.10
N PHE D 159 -14.93 5.76 -5.28
CA PHE D 159 -13.62 5.18 -5.56
C PHE D 159 -12.63 6.19 -6.14
N ARG D 160 -11.64 6.58 -5.32
CA ARG D 160 -10.60 7.51 -5.72
C ARG D 160 -9.40 6.71 -6.27
N GLY D 161 -9.63 5.99 -7.37
CA GLY D 161 -8.58 5.21 -7.99
C GLY D 161 -7.64 6.12 -8.77
N ARG D 162 -6.37 5.73 -8.88
CA ARG D 162 -5.34 6.54 -9.57
C ARG D 162 -5.26 6.50 -11.11
N GLY D 163 -4.54 7.48 -11.67
CA GLY D 163 -4.34 7.61 -13.11
C GLY D 163 -5.55 7.62 -14.03
N ASN D 164 -5.82 6.47 -14.63
CA ASN D 164 -6.95 6.27 -15.54
C ASN D 164 -7.62 4.95 -15.21
N HIS D 165 -8.06 4.82 -13.95
CA HIS D 165 -8.71 3.62 -13.41
C HIS D 165 -10.14 3.45 -13.90
N PRO D 166 -10.44 2.41 -14.72
CA PRO D 166 -11.78 2.15 -15.26
C PRO D 166 -12.96 1.95 -14.31
N LYS D 167 -12.67 1.82 -13.02
CA LYS D 167 -13.71 1.64 -12.02
C LYS D 167 -13.77 2.78 -11.00
N MET D 168 -13.31 3.98 -11.37
CA MET D 168 -13.36 5.13 -10.47
C MET D 168 -14.74 5.78 -10.51
N GLY D 169 -15.26 6.12 -9.34
CA GLY D 169 -16.57 6.73 -9.25
C GLY D 169 -17.71 5.73 -9.13
N MET D 170 -17.42 4.58 -8.53
CA MET D 170 -18.42 3.54 -8.31
C MET D 170 -18.93 3.57 -6.87
N LEU D 171 -20.15 3.09 -6.67
CA LEU D 171 -20.76 3.07 -5.34
C LEU D 171 -20.13 2.02 -4.43
N LYS D 172 -19.26 2.51 -3.56
CA LYS D 172 -18.53 1.73 -2.57
C LYS D 172 -19.47 1.74 -1.32
N ARG D 173 -20.60 1.03 -1.42
CA ARG D 173 -21.64 0.96 -0.37
C ARG D 173 -21.25 0.72 1.09
N ARG D 174 -22.18 1.09 1.99
CA ARG D 174 -22.01 0.95 3.45
C ARG D 174 -21.97 -0.48 3.88
N ILE D 175 -20.93 -0.80 4.63
CA ILE D 175 -20.74 -2.15 5.13
C ILE D 175 -21.68 -2.35 6.31
N MET D 176 -22.52 -3.35 6.17
CA MET D 176 -23.51 -3.73 7.18
C MET D 176 -22.90 -4.82 8.08
N PRO D 177 -23.41 -4.98 9.33
CA PRO D 177 -22.88 -6.00 10.25
C PRO D 177 -22.92 -7.44 9.75
N GLU D 178 -23.67 -7.67 8.68
CA GLU D 178 -23.82 -9.00 8.09
C GLU D 178 -22.79 -9.34 7.02
N ASP D 179 -21.91 -8.41 6.68
CA ASP D 179 -20.88 -8.62 5.67
C ASP D 179 -19.57 -9.00 6.36
N ILE D 180 -19.53 -8.65 7.64
CA ILE D 180 -18.40 -8.84 8.53
C ILE D 180 -18.16 -10.29 8.96
N ILE D 181 -16.88 -10.66 9.06
CA ILE D 181 -16.45 -11.99 9.50
C ILE D 181 -15.48 -11.76 10.67
N ILE D 182 -15.90 -12.18 11.86
CA ILE D 182 -15.11 -12.03 13.06
C ILE D 182 -14.20 -13.24 13.26
N ASN D 183 -12.98 -12.96 13.70
CA ASN D 183 -11.99 -13.97 13.96
C ASN D 183 -11.43 -13.84 15.38
N CYS D 184 -11.52 -14.94 16.14
CA CYS D 184 -11.01 -15.11 17.51
C CYS D 184 -11.30 -16.50 18.02
N SER D 185 -10.54 -16.93 19.03
CA SER D 185 -10.65 -18.27 19.65
C SER D 185 -12.02 -18.63 20.24
N LYS D 186 -12.36 -19.93 20.14
CA LYS D 186 -13.65 -20.49 20.60
C LYS D 186 -13.81 -20.72 22.11
N ASP D 187 -12.96 -20.04 22.88
CA ASP D 187 -12.94 -20.09 24.34
C ASP D 187 -12.70 -18.66 24.86
N ALA D 188 -13.31 -17.71 24.15
CA ALA D 188 -13.20 -16.29 24.46
C ALA D 188 -14.57 -15.60 24.49
N LYS D 189 -14.58 -14.38 25.02
CA LYS D 189 -15.78 -13.56 25.10
C LYS D 189 -15.94 -12.87 23.74
N VAL D 190 -16.81 -13.47 22.93
CA VAL D 190 -17.13 -13.06 21.57
C VAL D 190 -17.91 -11.71 21.48
N PRO D 191 -17.53 -10.81 20.52
CA PRO D 191 -18.20 -9.52 20.34
C PRO D 191 -19.69 -9.60 20.00
N SER D 192 -20.49 -8.90 20.80
CA SER D 192 -21.93 -8.83 20.67
C SER D 192 -22.32 -8.05 19.42
N PRO D 193 -22.97 -8.71 18.44
CA PRO D 193 -23.43 -8.12 17.17
C PRO D 193 -24.35 -6.92 17.40
N PRO D 194 -24.16 -5.80 16.65
CA PRO D 194 -24.98 -4.58 16.77
C PRO D 194 -26.49 -4.86 16.73
N PRO D 195 -27.25 -4.37 17.72
CA PRO D 195 -28.70 -4.53 17.89
C PRO D 195 -29.59 -4.97 16.72
N GLY D 196 -29.90 -6.28 16.71
CA GLY D 196 -30.76 -6.86 15.68
C GLY D 196 -30.17 -7.54 14.47
N HIS D 197 -28.89 -7.30 14.19
CA HIS D 197 -28.22 -7.89 13.05
C HIS D 197 -27.26 -9.04 13.39
N LYS D 198 -27.05 -9.93 12.43
CA LYS D 198 -26.15 -11.09 12.59
C LYS D 198 -24.83 -10.77 11.88
N TRP D 199 -23.84 -11.66 11.99
CA TRP D 199 -22.56 -11.49 11.27
C TRP D 199 -22.67 -12.39 10.07
N LYS D 200 -21.65 -12.39 9.19
CA LYS D 200 -21.69 -13.28 8.03
C LYS D 200 -21.34 -14.66 8.56
N GLU D 201 -20.21 -14.73 9.24
CA GLU D 201 -19.69 -15.97 9.82
C GLU D 201 -18.72 -15.60 10.93
N VAL D 202 -18.23 -16.64 11.63
CA VAL D 202 -17.25 -16.48 12.70
C VAL D 202 -16.28 -17.63 12.51
N ARG D 203 -14.99 -17.32 12.45
CA ARG D 203 -14.01 -18.39 12.32
C ARG D 203 -12.97 -18.29 13.41
N HIS D 204 -12.52 -19.47 13.84
CA HIS D 204 -11.54 -19.60 14.89
C HIS D 204 -10.25 -20.04 14.20
N ASP D 205 -9.87 -19.32 13.14
CA ASP D 205 -8.68 -19.60 12.36
C ASP D 205 -7.46 -18.95 12.99
N ASN D 206 -6.58 -19.76 13.59
CA ASN D 206 -5.38 -19.21 14.23
C ASN D 206 -4.15 -19.05 13.33
N LYS D 207 -4.28 -19.42 12.06
CA LYS D 207 -3.21 -19.30 11.09
C LYS D 207 -3.18 -17.93 10.36
N VAL D 208 -4.04 -17.00 10.78
CA VAL D 208 -4.14 -15.66 10.19
C VAL D 208 -3.83 -14.53 11.15
N THR D 209 -3.38 -13.39 10.61
CA THR D 209 -3.02 -12.22 11.41
C THR D 209 -4.17 -11.27 11.67
N TRP D 210 -5.31 -11.52 11.03
CA TRP D 210 -6.46 -10.63 11.14
C TRP D 210 -7.56 -10.93 12.16
N LEU D 211 -8.30 -9.88 12.53
CA LEU D 211 -9.39 -10.00 13.50
C LEU D 211 -10.76 -9.95 12.88
N VAL D 212 -10.92 -9.05 11.91
CA VAL D 212 -12.17 -8.82 11.24
C VAL D 212 -11.87 -8.62 9.77
N SER D 213 -12.81 -9.03 8.91
CA SER D 213 -12.67 -8.87 7.47
C SER D 213 -14.01 -8.91 6.78
N TRP D 214 -14.08 -8.15 5.69
CA TRP D 214 -15.28 -8.05 4.85
C TRP D 214 -14.85 -8.12 3.40
N THR D 215 -15.82 -8.00 2.48
CA THR D 215 -15.55 -8.05 1.04
C THR D 215 -15.87 -6.72 0.38
N GLU D 216 -15.05 -6.28 -0.59
CA GLU D 216 -15.28 -5.03 -1.32
C GLU D 216 -16.22 -5.30 -2.51
N ASN D 217 -17.30 -4.55 -2.57
CA ASN D 217 -18.32 -4.68 -3.61
C ASN D 217 -17.88 -4.31 -5.04
N ILE D 218 -16.84 -3.48 -5.11
CA ILE D 218 -16.31 -2.98 -6.39
C ILE D 218 -15.53 -4.01 -7.20
N GLN D 219 -14.33 -4.34 -6.71
CA GLN D 219 -13.43 -5.28 -7.38
C GLN D 219 -13.56 -6.72 -6.94
N GLY D 220 -14.05 -6.93 -5.73
CA GLY D 220 -14.22 -8.27 -5.21
C GLY D 220 -13.10 -8.76 -4.32
N SER D 221 -12.26 -7.82 -3.87
CA SER D 221 -11.14 -8.12 -2.99
C SER D 221 -11.55 -8.00 -1.52
N ILE D 222 -10.92 -8.84 -0.68
CA ILE D 222 -11.20 -8.90 0.75
C ILE D 222 -10.32 -7.91 1.53
N LYS D 223 -10.95 -7.07 2.35
CA LYS D 223 -10.22 -6.08 3.17
C LYS D 223 -10.26 -6.47 4.64
N TYR D 224 -9.11 -6.37 5.29
CA TYR D 224 -8.94 -6.79 6.68
C TYR D 224 -8.66 -5.70 7.69
N ILE D 225 -8.76 -6.09 8.96
CA ILE D 225 -8.50 -5.24 10.12
C ILE D 225 -7.46 -6.00 10.90
N MET D 226 -6.27 -5.39 10.96
CA MET D 226 -5.12 -5.94 11.65
C MET D 226 -4.64 -5.03 12.75
N LEU D 227 -3.57 -5.46 13.40
CA LEU D 227 -2.98 -4.74 14.51
C LEU D 227 -2.01 -3.63 14.13
N ASN D 228 -1.54 -2.95 15.17
CA ASN D 228 -0.62 -1.83 15.07
C ASN D 228 0.78 -2.35 14.74
N PRO D 229 1.55 -1.60 13.92
CA PRO D 229 2.92 -1.99 13.53
C PRO D 229 3.90 -2.19 14.70
N SER D 230 3.42 -1.91 15.91
CA SER D 230 4.17 -2.08 17.15
C SER D 230 4.15 -3.54 17.60
N SER D 231 3.02 -4.21 17.32
CA SER D 231 2.76 -5.59 17.69
C SER D 231 3.78 -6.65 17.29
N ARG D 232 3.77 -7.74 18.06
CA ARG D 232 4.65 -8.90 17.87
C ARG D 232 4.44 -9.45 16.49
N ILE D 233 3.19 -9.73 16.18
CA ILE D 233 2.77 -10.30 14.92
C ILE D 233 3.05 -9.41 13.69
N LYS D 234 3.04 -8.10 13.88
CA LYS D 234 3.30 -7.14 12.81
C LYS D 234 4.77 -6.76 12.72
N GLY D 235 5.49 -7.06 13.81
CA GLY D 235 6.91 -6.76 13.91
C GLY D 235 7.82 -7.92 13.58
N GLU D 236 7.48 -9.11 14.09
CA GLU D 236 8.24 -10.34 13.87
C GLU D 236 8.32 -10.64 12.38
N LYS D 237 7.30 -10.20 11.62
CA LYS D 237 7.26 -10.40 10.17
C LYS D 237 8.21 -9.44 9.48
N ASP D 238 8.37 -8.23 10.03
CA ASP D 238 9.27 -7.23 9.45
C ASP D 238 10.70 -7.56 9.86
N TRP D 239 10.85 -8.16 11.04
CA TRP D 239 12.14 -8.62 11.59
C TRP D 239 12.58 -9.73 10.66
N GLN D 240 11.66 -10.63 10.34
CA GLN D 240 11.93 -11.74 9.43
C GLN D 240 12.23 -11.23 8.05
N LYS D 241 11.58 -10.13 7.64
CA LYS D 241 11.79 -9.52 6.31
C LYS D 241 13.23 -9.04 6.17
N TYR D 242 13.77 -8.52 7.27
CA TYR D 242 15.14 -8.05 7.26
C TYR D 242 16.11 -9.20 7.43
N GLU D 243 15.72 -10.21 8.22
CA GLU D 243 16.54 -11.41 8.46
C GLU D 243 16.69 -12.21 7.20
N THR D 244 15.69 -12.08 6.31
CA THR D 244 15.68 -12.77 5.02
C THR D 244 16.74 -12.13 4.16
N ALA D 245 16.82 -10.80 4.23
CA ALA D 245 17.81 -10.04 3.49
C ALA D 245 19.26 -10.29 3.99
N ARG D 246 19.38 -10.71 5.25
CA ARG D 246 20.69 -11.01 5.86
C ARG D 246 21.25 -12.30 5.28
N ARG D 247 20.39 -13.32 5.19
CA ARG D 247 20.78 -14.63 4.65
C ARG D 247 21.08 -14.62 3.16
N LEU D 248 20.89 -13.44 2.55
CA LEU D 248 21.15 -13.28 1.14
C LEU D 248 22.60 -12.88 0.86
N LYS D 249 23.11 -11.94 1.68
CA LYS D 249 24.46 -11.36 1.61
C LYS D 249 25.59 -12.20 0.99
N LYS D 250 25.70 -13.46 1.44
CA LYS D 250 26.74 -14.38 0.95
C LYS D 250 26.38 -15.07 -0.36
N CYS D 251 25.11 -15.43 -0.48
CA CYS D 251 24.59 -16.12 -1.65
C CYS D 251 24.39 -15.20 -2.87
N VAL D 252 24.61 -13.89 -2.69
CA VAL D 252 24.46 -12.87 -3.76
C VAL D 252 25.49 -13.01 -4.88
N ASP D 253 26.78 -13.13 -4.49
CA ASP D 253 27.89 -13.26 -5.43
C ASP D 253 27.55 -14.31 -6.48
N LYS D 254 26.95 -15.41 -6.00
CA LYS D 254 26.57 -16.54 -6.84
C LYS D 254 25.35 -16.30 -7.71
N ILE D 255 24.46 -15.42 -7.28
CA ILE D 255 23.25 -15.14 -8.04
C ILE D 255 23.54 -14.29 -9.27
N ARG D 256 24.42 -13.31 -9.09
CA ARG D 256 24.80 -12.41 -10.17
C ARG D 256 25.55 -13.18 -11.26
N ASN D 257 26.55 -13.97 -10.85
CA ASN D 257 27.36 -14.81 -11.76
C ASN D 257 26.48 -15.84 -12.42
N GLN D 258 25.42 -16.20 -11.69
CA GLN D 258 24.42 -17.18 -12.12
C GLN D 258 23.59 -16.64 -13.27
N TYR D 259 22.98 -15.47 -13.08
CA TYR D 259 22.17 -14.91 -14.15
C TYR D 259 23.02 -14.34 -15.29
N ARG D 260 24.24 -13.88 -14.96
CA ARG D 260 25.15 -13.31 -15.96
C ARG D 260 25.52 -14.36 -16.98
N GLU D 261 25.54 -15.61 -16.52
CA GLU D 261 25.86 -16.76 -17.34
C GLU D 261 24.65 -17.09 -18.21
N ASP D 262 23.46 -17.02 -17.62
CA ASP D 262 22.19 -17.31 -18.29
C ASP D 262 21.86 -16.38 -19.46
N TRP D 263 22.70 -15.37 -19.70
CA TRP D 263 22.53 -14.44 -20.82
C TRP D 263 22.91 -15.08 -22.14
N LYS D 264 23.96 -15.91 -22.10
CA LYS D 264 24.48 -16.62 -23.27
C LYS D 264 23.94 -18.05 -23.30
N SER D 265 22.68 -18.21 -22.89
CA SER D 265 21.98 -19.50 -22.84
C SER D 265 21.56 -19.98 -24.22
N LYS D 266 20.90 -21.14 -24.25
CA LYS D 266 20.44 -21.74 -25.48
C LYS D 266 18.93 -21.65 -25.63
N GLU D 267 18.20 -21.40 -24.54
CA GLU D 267 16.74 -21.34 -24.66
C GLU D 267 16.04 -20.05 -24.26
N MET D 268 14.88 -19.86 -24.90
CA MET D 268 13.94 -18.74 -24.77
C MET D 268 13.71 -18.32 -23.32
N LYS D 269 12.81 -19.03 -22.63
CA LYS D 269 12.42 -18.82 -21.24
C LYS D 269 13.57 -18.65 -20.25
N VAL D 270 14.75 -19.16 -20.61
CA VAL D 270 15.94 -19.10 -19.77
C VAL D 270 16.66 -17.76 -19.94
N ARG D 271 16.85 -17.39 -21.21
CA ARG D 271 17.50 -16.12 -21.57
C ARG D 271 16.59 -14.98 -21.12
N GLN D 272 15.27 -15.22 -21.17
CA GLN D 272 14.24 -14.26 -20.75
C GLN D 272 14.32 -14.03 -19.25
N ARG D 273 14.43 -15.12 -18.50
CA ARG D 273 14.52 -15.13 -17.05
C ARG D 273 15.59 -14.16 -16.56
N ALA D 274 16.83 -14.42 -16.97
CA ALA D 274 17.99 -13.62 -16.58
C ALA D 274 17.91 -12.09 -16.78
N VAL D 275 17.47 -11.64 -17.97
CA VAL D 275 17.36 -10.21 -18.31
C VAL D 275 16.52 -9.47 -17.28
N ALA D 276 15.38 -10.07 -16.96
CA ALA D 276 14.43 -9.53 -16.00
C ALA D 276 15.07 -9.39 -14.65
N LEU D 277 15.80 -10.43 -14.26
CA LEU D 277 16.49 -10.50 -12.99
C LEU D 277 17.57 -9.42 -12.90
N TYR D 278 18.08 -9.00 -14.06
CA TYR D 278 19.10 -7.97 -14.14
C TYR D 278 18.48 -6.63 -13.77
N PHE D 279 17.27 -6.41 -14.25
CA PHE D 279 16.58 -5.15 -13.97
C PHE D 279 16.15 -5.01 -12.56
N ILE D 280 15.60 -6.10 -12.03
CA ILE D 280 15.13 -6.14 -10.68
C ILE D 280 16.30 -6.01 -9.69
N ASP D 281 17.50 -6.38 -10.15
CA ASP D 281 18.69 -6.26 -9.34
C ASP D 281 19.13 -4.79 -9.37
N LYS D 282 19.42 -4.30 -10.59
CA LYS D 282 19.90 -2.94 -10.86
C LYS D 282 18.90 -1.80 -10.67
N LEU D 283 17.96 -1.74 -11.61
CA LEU D 283 16.91 -0.71 -11.66
C LEU D 283 16.01 -0.55 -10.46
N ALA D 284 16.04 -1.55 -9.57
CA ALA D 284 15.23 -1.62 -8.33
C ALA D 284 13.75 -1.62 -8.69
N LEU D 285 13.45 -2.43 -9.71
CA LEU D 285 12.10 -2.57 -10.20
C LEU D 285 11.21 -3.54 -9.46
N ARG D 286 9.91 -3.39 -9.66
CA ARG D 286 8.94 -4.27 -9.05
C ARG D 286 8.64 -5.33 -10.10
N ALA D 287 8.00 -6.42 -9.68
CA ALA D 287 7.68 -7.54 -10.56
C ALA D 287 6.53 -7.40 -11.55
N GLY D 288 5.39 -6.86 -11.11
CA GLY D 288 4.23 -6.70 -12.00
C GLY D 288 3.58 -8.00 -12.40
N ASN D 289 2.53 -8.37 -11.65
CA ASN D 289 1.79 -9.60 -11.89
C ASN D 289 0.70 -9.44 -12.96
N GLU D 290 -0.02 -10.53 -13.25
CA GLU D 290 -1.09 -10.53 -14.23
C GLU D 290 -2.20 -9.60 -13.74
N LYS D 291 -2.44 -8.55 -14.51
CA LYS D 291 -3.47 -7.56 -14.18
C LYS D 291 -4.75 -7.83 -14.93
N GLU D 292 -5.86 -7.33 -14.39
CA GLU D 292 -7.18 -7.49 -15.02
C GLU D 292 -7.45 -6.25 -15.84
N GLU D 293 -7.38 -6.42 -17.16
CA GLU D 293 -7.62 -5.35 -18.12
C GLU D 293 -9.14 -5.16 -18.25
N GLY D 294 -9.63 -4.08 -17.66
CA GLY D 294 -11.05 -3.76 -17.64
C GLY D 294 -11.45 -3.68 -16.19
N GLU D 295 -10.62 -4.23 -15.31
CA GLU D 295 -10.85 -4.24 -13.87
C GLU D 295 -10.03 -3.14 -13.21
N THR D 296 -8.75 -3.07 -13.58
CA THR D 296 -7.83 -2.07 -13.03
C THR D 296 -7.19 -1.24 -14.12
N ALA D 297 -6.40 -0.25 -13.68
CA ALA D 297 -5.65 0.65 -14.56
C ALA D 297 -4.54 -0.13 -15.25
N ASP D 298 -4.05 0.39 -16.36
CA ASP D 298 -2.99 -0.28 -17.10
C ASP D 298 -1.60 0.16 -16.63
N THR D 299 -1.10 -0.52 -15.60
CA THR D 299 0.24 -0.25 -15.08
C THR D 299 1.05 -1.46 -15.45
N VAL D 300 2.36 -1.40 -15.27
CA VAL D 300 3.25 -2.50 -15.60
C VAL D 300 4.46 -2.56 -14.67
N GLY D 301 4.82 -3.79 -14.29
CA GLY D 301 5.99 -4.02 -13.45
C GLY D 301 7.00 -4.64 -14.39
N CYS D 302 7.95 -5.43 -13.87
CA CYS D 302 8.96 -6.02 -14.75
C CYS D 302 8.51 -7.16 -15.68
N CYS D 303 7.77 -8.13 -15.15
CA CYS D 303 7.30 -9.28 -15.93
C CYS D 303 6.20 -8.90 -16.91
N SER D 304 5.39 -7.93 -16.51
CA SER D 304 4.28 -7.44 -17.31
C SER D 304 4.66 -6.38 -18.34
N LEU D 305 5.96 -6.11 -18.50
CA LEU D 305 6.48 -5.13 -19.47
C LEU D 305 6.15 -5.45 -20.93
N ARG D 306 5.89 -4.41 -21.72
CA ARG D 306 5.56 -4.56 -23.14
C ARG D 306 6.59 -3.89 -24.08
N VAL D 307 6.53 -4.25 -25.37
CA VAL D 307 7.43 -3.76 -26.42
C VAL D 307 7.47 -2.23 -26.51
N GLU D 308 6.27 -1.64 -26.57
CA GLU D 308 6.03 -0.20 -26.64
C GLU D 308 6.65 0.58 -25.45
N HIS D 309 6.99 -0.16 -24.39
CA HIS D 309 7.57 0.39 -23.18
C HIS D 309 9.05 0.59 -23.16
N ILE D 310 9.77 0.01 -24.12
CA ILE D 310 11.22 0.22 -24.19
C ILE D 310 11.68 0.67 -25.55
N ASN D 311 12.62 1.60 -25.49
CA ASN D 311 13.25 2.18 -26.66
C ASN D 311 14.73 1.92 -26.40
N LEU D 312 15.43 1.42 -27.43
CA LEU D 312 16.84 1.05 -27.33
C LEU D 312 17.78 1.84 -28.27
N HIS D 313 18.88 2.38 -27.73
CA HIS D 313 19.86 3.18 -28.49
C HIS D 313 21.29 2.64 -28.29
N PRO D 314 22.04 2.37 -29.38
CA PRO D 314 23.42 1.85 -29.29
C PRO D 314 24.47 2.77 -28.65
N GLU D 315 24.35 4.07 -28.91
CA GLU D 315 25.25 5.11 -28.39
C GLU D 315 24.40 6.33 -28.12
N LEU D 316 24.32 6.72 -26.84
CA LEU D 316 23.54 7.88 -26.43
C LEU D 316 24.15 8.57 -25.23
N ASP D 317 24.34 9.88 -25.37
CA ASP D 317 24.92 10.78 -24.36
C ASP D 317 26.33 10.36 -23.92
N GLY D 318 27.14 9.96 -24.91
CA GLY D 318 28.52 9.53 -24.68
C GLY D 318 28.69 8.13 -24.15
N GLN D 319 27.56 7.47 -23.86
CA GLN D 319 27.54 6.11 -23.31
C GLN D 319 27.03 5.11 -24.35
N GLU D 320 27.57 3.88 -24.27
CA GLU D 320 27.22 2.80 -25.19
C GLU D 320 26.16 1.87 -24.59
N TYR D 321 25.28 1.34 -25.45
CA TYR D 321 24.20 0.41 -25.07
C TYR D 321 23.24 0.96 -24.00
N VAL D 322 22.35 1.85 -24.41
CA VAL D 322 21.40 2.48 -23.47
C VAL D 322 19.97 2.04 -23.72
N VAL D 323 19.23 1.79 -22.62
CA VAL D 323 17.82 1.39 -22.65
C VAL D 323 17.03 2.48 -21.95
N GLU D 324 15.95 2.88 -22.61
CA GLU D 324 15.09 3.96 -22.15
C GLU D 324 13.75 3.41 -21.72
N PHE D 325 13.57 3.33 -20.41
CA PHE D 325 12.34 2.83 -19.83
C PHE D 325 11.34 3.95 -19.69
N ASP D 326 10.17 3.76 -20.27
CA ASP D 326 9.10 4.76 -20.23
C ASP D 326 7.80 4.01 -19.97
N PHE D 327 7.34 4.09 -18.72
CA PHE D 327 6.10 3.45 -18.27
C PHE D 327 5.55 4.02 -16.96
N LEU D 328 4.35 3.57 -16.58
CA LEU D 328 3.68 4.01 -15.37
C LEU D 328 3.60 2.85 -14.37
N GLY D 329 4.27 3.00 -13.23
CA GLY D 329 4.28 1.97 -12.19
C GLY D 329 3.12 2.03 -11.23
N LYS D 330 3.38 1.69 -9.96
CA LYS D 330 2.39 1.69 -8.88
C LYS D 330 1.98 3.11 -8.52
N ASP D 331 0.67 3.32 -8.48
CA ASP D 331 0.10 4.62 -8.17
C ASP D 331 0.16 5.50 -9.43
N SER D 332 0.37 4.85 -10.58
CA SER D 332 0.47 5.47 -11.90
C SER D 332 1.61 6.48 -12.03
N ILE D 333 2.65 6.28 -11.24
CA ILE D 333 3.83 7.15 -11.24
C ILE D 333 4.77 6.71 -12.36
N ARG D 334 4.96 7.59 -13.33
CA ARG D 334 5.82 7.37 -14.49
C ARG D 334 7.28 7.11 -14.16
N TYR D 335 7.79 5.97 -14.61
CA TYR D 335 9.18 5.65 -14.41
C TYR D 335 9.93 5.95 -15.70
N TYR D 336 10.95 6.80 -15.57
CA TYR D 336 11.79 7.17 -16.70
C TYR D 336 13.25 7.11 -16.24
N ASN D 337 14.04 6.36 -17.02
CA ASN D 337 15.48 6.19 -16.78
C ASN D 337 16.15 5.76 -18.08
N LYS D 338 17.17 6.52 -18.47
CA LYS D 338 17.98 6.22 -19.66
C LYS D 338 19.16 5.43 -19.07
N VAL D 339 18.92 4.14 -18.81
CA VAL D 339 19.94 3.29 -18.20
C VAL D 339 20.87 2.51 -19.11
N PRO D 340 22.19 2.68 -18.92
CA PRO D 340 23.23 2.00 -19.70
C PRO D 340 23.37 0.57 -19.20
N VAL D 341 23.36 -0.39 -20.13
CA VAL D 341 23.48 -1.82 -19.81
C VAL D 341 24.78 -2.45 -20.33
N GLU D 342 24.89 -3.77 -20.20
CA GLU D 342 26.06 -4.52 -20.67
C GLU D 342 25.72 -4.99 -22.10
N LYS D 343 26.75 -5.26 -22.90
CA LYS D 343 26.60 -5.71 -24.31
C LYS D 343 25.58 -6.84 -24.53
N ARG D 344 25.84 -8.00 -23.92
CA ARG D 344 24.99 -9.19 -24.03
C ARG D 344 23.49 -8.95 -23.81
N VAL D 345 23.17 -8.08 -22.85
CA VAL D 345 21.79 -7.74 -22.48
C VAL D 345 21.05 -7.02 -23.59
N PHE D 346 21.71 -5.99 -24.14
CA PHE D 346 21.19 -5.17 -25.22
C PHE D 346 20.87 -6.09 -26.37
N LYS D 347 21.83 -6.96 -26.69
CA LYS D 347 21.69 -7.94 -27.77
C LYS D 347 20.51 -8.90 -27.55
N ASN D 348 20.31 -9.29 -26.28
CA ASN D 348 19.23 -10.21 -25.89
C ASN D 348 17.90 -9.51 -26.01
N LEU D 349 17.90 -8.24 -25.61
CA LEU D 349 16.70 -7.44 -25.65
C LEU D 349 16.19 -7.24 -27.05
N GLN D 350 17.14 -6.96 -27.96
CA GLN D 350 16.88 -6.73 -29.38
C GLN D 350 16.09 -7.89 -29.96
N LEU D 351 16.54 -9.09 -29.63
CA LEU D 351 15.96 -10.35 -30.07
C LEU D 351 14.50 -10.63 -29.65
N PHE D 352 14.01 -9.92 -28.62
CA PHE D 352 12.63 -10.12 -28.19
C PHE D 352 11.70 -9.34 -29.09
N MET D 353 11.88 -8.01 -29.08
CA MET D 353 11.10 -7.05 -29.86
C MET D 353 11.30 -7.17 -31.37
N GLU D 354 11.83 -8.20 -32.11
CA GLU D 354 12.18 -9.00 -33.31
C GLU D 354 10.85 -9.63 -33.69
N ASN D 355 9.89 -10.14 -34.42
CA ASN D 355 8.78 -9.65 -35.28
C ASN D 355 7.72 -9.71 -34.18
N LYS D 356 7.39 -8.51 -33.68
CA LYS D 356 6.44 -8.27 -32.61
C LYS D 356 5.73 -6.94 -32.76
N GLN D 357 4.40 -6.95 -32.58
CA GLN D 357 3.58 -5.73 -32.66
C GLN D 357 3.66 -5.05 -31.27
N PRO D 358 3.75 -3.70 -31.19
CA PRO D 358 3.85 -2.93 -29.95
C PRO D 358 2.90 -3.23 -28.77
N GLU D 359 1.64 -3.58 -29.09
CA GLU D 359 0.61 -3.90 -28.09
C GLU D 359 0.78 -5.24 -27.37
N ASP D 360 1.64 -6.11 -27.92
CA ASP D 360 1.93 -7.43 -27.35
C ASP D 360 2.97 -7.34 -26.25
N ASP D 361 3.13 -8.43 -25.51
CA ASP D 361 4.10 -8.52 -24.41
C ASP D 361 5.54 -8.49 -24.89
N LEU D 362 6.46 -8.24 -23.97
CA LEU D 362 7.89 -8.20 -24.27
C LEU D 362 8.45 -9.55 -23.93
N PHE D 363 8.17 -10.00 -22.72
CA PHE D 363 8.62 -11.29 -22.23
C PHE D 363 7.57 -12.37 -22.57
N ASP D 364 7.69 -12.90 -23.79
CA ASP D 364 6.81 -13.92 -24.37
C ASP D 364 6.48 -15.12 -23.47
N ARG D 365 7.49 -15.91 -23.16
CA ARG D 365 7.34 -17.08 -22.32
C ARG D 365 7.89 -16.73 -20.96
N LEU D 366 7.17 -15.86 -20.24
CA LEU D 366 7.54 -15.39 -18.90
C LEU D 366 6.52 -14.52 -18.10
N ASN D 367 6.37 -14.88 -16.82
CA ASN D 367 5.52 -14.21 -15.85
C ASN D 367 6.16 -14.36 -14.45
N THR D 368 5.60 -13.65 -13.46
CA THR D 368 6.06 -13.64 -12.07
C THR D 368 6.27 -15.01 -11.43
N GLY D 369 5.36 -15.94 -11.76
CA GLY D 369 5.40 -17.29 -11.22
C GLY D 369 6.70 -18.01 -11.51
N ILE D 370 7.09 -18.00 -12.79
CA ILE D 370 8.32 -18.65 -13.27
C ILE D 370 9.56 -17.96 -12.68
N LEU D 371 9.42 -16.67 -12.41
CA LEU D 371 10.49 -15.91 -11.82
C LEU D 371 10.70 -16.30 -10.36
N ASN D 372 9.62 -16.27 -9.58
CA ASN D 372 9.70 -16.61 -8.15
C ASN D 372 9.96 -18.08 -7.90
N LYS D 373 9.50 -18.95 -8.80
CA LYS D 373 9.69 -20.41 -8.69
C LYS D 373 11.18 -20.72 -8.82
N HIS D 374 11.85 -19.89 -9.62
CA HIS D 374 13.30 -20.01 -9.84
C HIS D 374 14.03 -19.54 -8.59
N LEU D 375 13.70 -18.33 -8.15
CA LEU D 375 14.32 -17.72 -6.98
C LEU D 375 14.26 -18.57 -5.73
N GLN D 376 13.21 -19.39 -5.60
CA GLN D 376 13.04 -20.27 -4.44
C GLN D 376 14.01 -21.44 -4.39
N ASP D 377 14.41 -21.90 -5.58
CA ASP D 377 15.34 -23.01 -5.71
C ASP D 377 16.70 -22.52 -5.24
N LEU D 378 17.01 -21.28 -5.58
CA LEU D 378 18.29 -20.65 -5.23
C LEU D 378 18.50 -20.40 -3.75
N MET D 379 17.42 -20.15 -3.01
CA MET D 379 17.50 -19.90 -1.57
C MET D 379 16.09 -19.99 -0.95
N GLU D 380 16.03 -20.26 0.35
CA GLU D 380 14.76 -20.37 1.05
C GLU D 380 14.29 -19.01 1.59
N GLY D 381 13.10 -18.60 1.14
CA GLY D 381 12.51 -17.34 1.54
C GLY D 381 12.74 -16.20 0.57
N LEU D 382 13.58 -16.45 -0.43
CA LEU D 382 13.92 -15.47 -1.44
C LEU D 382 12.83 -15.26 -2.46
N THR D 383 12.41 -14.00 -2.59
CA THR D 383 11.41 -13.59 -3.57
C THR D 383 11.92 -12.34 -4.25
N ALA D 384 11.27 -11.98 -5.35
CA ALA D 384 11.65 -10.80 -6.12
C ALA D 384 11.79 -9.51 -5.28
N LYS D 385 10.89 -9.32 -4.30
CA LYS D 385 10.92 -8.13 -3.48
C LYS D 385 12.16 -7.96 -2.64
N VAL D 386 12.75 -9.09 -2.21
CA VAL D 386 13.96 -9.10 -1.34
C VAL D 386 15.12 -8.26 -1.88
N PHE D 387 15.19 -8.13 -3.20
CA PHE D 387 16.23 -7.35 -3.84
C PHE D 387 16.12 -5.88 -3.50
N ARG D 388 14.88 -5.37 -3.48
CA ARG D 388 14.62 -3.97 -3.15
C ARG D 388 15.06 -3.69 -1.73
N THR D 389 14.91 -4.70 -0.88
CA THR D 389 15.29 -4.58 0.52
C THR D 389 16.79 -4.76 0.70
N TYR D 390 17.41 -5.66 -0.08
CA TYR D 390 18.86 -5.90 0.01
C TYR D 390 19.68 -4.71 -0.45
N ASN D 391 19.56 -4.40 -1.75
CA ASN D 391 20.29 -3.32 -2.41
C ASN D 391 20.25 -2.02 -1.65
N ALA D 392 19.04 -1.62 -1.23
CA ALA D 392 18.79 -0.38 -0.49
C ALA D 392 19.45 -0.30 0.89
N SER D 393 19.67 -1.45 1.51
CA SER D 393 20.28 -1.50 2.82
C SER D 393 21.81 -1.57 2.83
N ILE D 394 22.38 -2.50 2.05
CA ILE D 394 23.85 -2.71 1.97
C ILE D 394 24.63 -1.45 1.53
N THR D 395 23.87 -0.54 0.93
CA THR D 395 24.35 0.75 0.46
C THR D 395 24.65 1.52 1.74
N LEU D 396 23.61 1.70 2.55
CA LEU D 396 23.66 2.43 3.83
C LEU D 396 24.77 2.01 4.78
N GLN D 397 25.20 0.75 4.67
CA GLN D 397 26.28 0.21 5.50
C GLN D 397 27.59 0.85 4.99
N GLN D 398 27.80 0.79 3.67
CA GLN D 398 28.98 1.36 3.02
C GLN D 398 29.01 2.89 3.03
N GLN D 399 27.80 3.49 3.05
CA GLN D 399 27.63 4.93 3.08
C GLN D 399 27.83 5.45 4.49
N LEU D 400 27.26 4.75 5.47
CA LEU D 400 27.37 5.12 6.88
C LEU D 400 28.75 4.77 7.45
N LYS D 401 29.68 4.40 6.56
CA LYS D 401 31.05 4.02 6.93
C LYS D 401 32.09 5.06 6.49
N GLU D 402 31.80 5.81 5.43
CA GLU D 402 32.74 6.81 4.92
C GLU D 402 32.32 8.28 5.02
N LEU D 403 31.02 8.57 4.90
CA LEU D 403 30.50 9.94 4.94
C LEU D 403 30.52 10.67 6.29
N THR D 404 30.80 9.93 7.36
CA THR D 404 30.85 10.50 8.70
C THR D 404 32.28 10.94 9.01
N ALA D 405 32.44 12.19 9.41
CA ALA D 405 33.75 12.73 9.76
C ALA D 405 34.05 12.33 11.22
N PRO D 406 35.25 11.75 11.47
CA PRO D 406 35.65 11.31 12.81
C PRO D 406 35.67 12.40 13.90
N ASP D 407 36.47 13.46 13.70
CA ASP D 407 36.57 14.55 14.66
C ASP D 407 35.49 15.63 14.44
N GLU D 408 34.29 15.19 14.06
CA GLU D 408 33.14 16.06 13.79
C GLU D 408 32.40 16.57 15.02
N ASN D 409 31.42 17.44 14.77
CA ASN D 409 30.57 18.04 15.80
C ASN D 409 29.17 17.42 15.76
N ILE D 410 28.15 18.18 16.19
CA ILE D 410 26.76 17.73 16.23
C ILE D 410 26.12 17.29 14.89
N PRO D 411 25.34 18.18 14.23
CA PRO D 411 24.66 17.89 12.95
C PRO D 411 25.54 17.61 11.71
N ALA D 412 26.86 17.61 11.89
CA ALA D 412 27.84 17.34 10.81
C ALA D 412 27.90 15.84 10.49
N LYS D 413 27.08 15.08 11.22
CA LYS D 413 26.95 13.64 11.10
C LYS D 413 25.52 13.33 10.66
N ILE D 414 24.56 14.15 11.10
CA ILE D 414 23.14 13.99 10.75
C ILE D 414 22.92 14.56 9.34
N LEU D 415 23.86 15.38 8.90
CA LEU D 415 23.86 15.96 7.56
C LEU D 415 24.39 14.88 6.61
N SER D 416 25.05 13.87 7.20
CA SER D 416 25.59 12.73 6.48
C SER D 416 24.59 11.58 6.42
N TYR D 417 23.66 11.54 7.39
CA TYR D 417 22.60 10.51 7.45
C TYR D 417 21.63 10.76 6.32
N ASN D 418 21.24 12.02 6.18
CA ASN D 418 20.31 12.44 5.14
C ASN D 418 20.96 12.39 3.75
N ARG D 419 22.30 12.41 3.74
CA ARG D 419 23.09 12.33 2.50
C ARG D 419 23.07 10.89 2.03
N ALA D 420 23.09 9.98 3.00
CA ALA D 420 23.04 8.54 2.75
C ALA D 420 21.59 8.16 2.48
N ASN D 421 20.66 8.91 3.07
CA ASN D 421 19.22 8.72 2.91
C ASN D 421 18.75 9.29 1.58
N ARG D 422 19.62 10.11 0.96
CA ARG D 422 19.36 10.73 -0.33
C ARG D 422 19.87 9.80 -1.44
N ALA D 423 20.81 8.92 -1.07
CA ALA D 423 21.42 7.94 -1.98
C ALA D 423 20.47 6.78 -2.35
N VAL D 424 19.51 7.09 -3.23
CA VAL D 424 18.52 6.14 -3.72
C VAL D 424 18.98 5.51 -5.04
N SER D 517 9.89 5.69 0.17
CA SER D 517 11.16 5.02 -0.11
C SER D 517 12.06 4.99 1.13
N LYS D 518 11.78 5.89 2.08
CA LYS D 518 12.52 6.00 3.34
C LYS D 518 12.02 4.99 4.37
N LEU D 519 10.72 5.07 4.64
CA LEU D 519 10.02 4.24 5.62
C LEU D 519 10.23 2.73 5.54
N ASN D 520 10.12 2.18 4.34
CA ASN D 520 10.30 0.75 4.12
C ASN D 520 11.68 0.50 3.56
N LEU D 522 14.69 -0.10 4.17
CA LEU D 522 15.89 0.11 4.98
C LEU D 522 15.81 -0.61 6.32
N ASP D 523 16.90 -1.27 6.72
CA ASP D 523 16.96 -1.99 7.99
C ASP D 523 17.29 -1.02 9.10
N PRO D 524 16.39 -0.87 10.08
CA PRO D 524 16.64 0.05 11.20
C PRO D 524 17.86 -0.30 12.03
N ARG D 525 18.28 -1.56 12.01
CA ARG D 525 19.45 -1.95 12.79
C ARG D 525 20.76 -1.40 12.26
N ILE D 526 20.80 -0.93 11.00
CA ILE D 526 22.02 -0.33 10.43
C ILE D 526 22.06 1.10 10.93
N THR D 527 20.88 1.72 10.95
CA THR D 527 20.69 3.09 11.40
C THR D 527 20.97 3.19 12.90
N VAL D 528 20.67 2.12 13.63
CA VAL D 528 20.91 2.09 15.07
C VAL D 528 22.35 1.66 15.40
N ALA D 529 22.97 0.88 14.49
CA ALA D 529 24.35 0.40 14.65
C ALA D 529 25.34 1.55 14.58
N TRP D 530 24.93 2.55 13.79
CA TRP D 530 25.64 3.79 13.52
C TRP D 530 25.45 4.79 14.67
N CYS D 531 24.29 4.71 15.33
CA CYS D 531 23.94 5.59 16.44
C CYS D 531 24.59 5.25 17.77
N LYS D 532 25.36 4.17 17.81
CA LYS D 532 26.07 3.75 19.01
C LYS D 532 27.55 3.63 18.69
N LYS D 533 27.86 3.52 17.39
CA LYS D 533 29.24 3.44 16.93
C LYS D 533 29.78 4.87 17.02
N TRP D 534 28.87 5.83 16.87
CA TRP D 534 29.20 7.24 16.96
C TRP D 534 28.51 7.89 18.17
N GLY D 535 27.25 7.51 18.43
CA GLY D 535 26.53 8.03 19.58
C GLY D 535 25.53 9.15 19.37
N VAL D 536 24.53 8.95 18.51
CA VAL D 536 23.49 9.96 18.23
C VAL D 536 22.12 9.51 18.79
N PRO D 537 21.43 10.39 19.57
CA PRO D 537 20.12 10.04 20.14
C PRO D 537 19.04 9.77 19.09
N ILE D 538 18.36 8.63 19.28
CA ILE D 538 17.29 8.15 18.40
C ILE D 538 16.08 9.09 18.27
N GLU D 539 15.79 9.83 19.34
CA GLU D 539 14.68 10.78 19.42
C GLU D 539 14.82 11.94 18.43
N LYS D 540 16.05 12.13 17.94
CA LYS D 540 16.39 13.17 16.99
C LYS D 540 16.00 12.83 15.55
N ILE D 541 16.09 11.54 15.21
CA ILE D 541 15.75 11.03 13.87
C ILE D 541 14.30 10.55 13.84
N TYR D 542 14.05 9.48 14.60
CA TYR D 542 12.73 8.85 14.69
C TYR D 542 11.92 9.38 15.86
N ASN D 543 10.72 9.88 15.56
CA ASN D 543 9.81 10.44 16.58
C ASN D 543 9.18 9.34 17.44
N LYS D 544 8.17 9.71 18.23
CA LYS D 544 7.46 8.77 19.11
C LYS D 544 6.78 7.63 18.35
N THR D 545 6.16 7.95 17.22
CA THR D 545 5.46 6.97 16.38
C THR D 545 6.44 6.01 15.71
N GLN D 546 7.54 6.55 15.20
CA GLN D 546 8.58 5.76 14.53
C GLN D 546 9.43 4.96 15.54
N ARG D 547 9.57 5.49 16.76
CA ARG D 547 10.34 4.80 17.80
C ARG D 547 9.50 3.67 18.43
N GLU D 548 8.28 3.53 17.92
CA GLU D 548 7.33 2.51 18.35
C GLU D 548 7.47 1.27 17.47
N LYS D 549 7.63 1.49 16.16
CA LYS D 549 7.78 0.41 15.18
C LYS D 549 9.18 -0.23 15.17
N PHE D 550 10.21 0.60 15.36
CA PHE D 550 11.60 0.13 15.39
C PHE D 550 12.06 -0.29 16.79
N ALA D 551 11.10 -0.43 17.73
CA ALA D 551 11.33 -0.81 19.13
C ALA D 551 12.18 -2.06 19.40
N TRP D 552 12.09 -3.01 18.48
CA TRP D 552 12.84 -4.25 18.56
C TRP D 552 14.29 -4.00 18.19
N ALA D 553 14.48 -3.18 17.15
CA ALA D 553 15.78 -2.81 16.63
C ALA D 553 16.61 -2.00 17.59
N ILE D 554 15.93 -1.16 18.37
CA ILE D 554 16.58 -0.30 19.36
C ILE D 554 17.31 -1.19 20.37
N ASP D 555 16.59 -2.15 20.95
CA ASP D 555 17.17 -3.05 21.94
C ASP D 555 18.01 -4.24 21.47
N MET D 556 18.24 -4.38 20.15
CA MET D 556 19.10 -5.46 19.65
C MET D 556 20.09 -5.09 18.54
N ALA D 557 20.81 -3.99 18.74
CA ALA D 557 21.81 -3.52 17.79
C ALA D 557 22.89 -2.79 18.55
N ASP D 558 24.16 -3.19 18.34
CA ASP D 558 25.25 -2.56 19.06
C ASP D 558 26.10 -1.58 18.24
N GLU D 559 27.28 -1.28 18.76
CA GLU D 559 28.19 -0.34 18.10
C GLU D 559 29.01 -0.99 17.00
N ASP D 560 28.74 -2.25 16.66
CA ASP D 560 29.47 -2.97 15.62
C ASP D 560 28.59 -3.85 14.71
N TYR D 561 27.28 -3.58 14.68
CA TYR D 561 26.35 -4.37 13.85
C TYR D 561 26.60 -4.13 12.34
N GLU D 562 27.23 -5.13 11.74
CA GLU D 562 27.52 -5.14 10.31
C GLU D 562 26.44 -6.00 9.70
N PHE D 563 25.92 -5.56 8.55
CA PHE D 563 24.85 -6.25 7.83
C PHE D 563 25.33 -7.56 7.17
#